data_5SQ9
#
_entry.id   5SQ9
#
_cell.length_a   88.736
_cell.length_b   88.736
_cell.length_c   39.315
_cell.angle_alpha   90.000
_cell.angle_beta   90.000
_cell.angle_gamma   90.000
#
_symmetry.space_group_name_H-M   'P 43'
#
loop_
_entity.id
_entity.type
_entity.pdbx_description
1 polymer 'Non-structural protein 3'
2 non-polymer '(1R,2R)-4-hydroxy-1-{4-[(propan-2-yl)carbamamido]benzamido}-2,3-dihydro-1H-indene-2-carboxylic acid'
3 non-polymer '(1S,2S)-4-hydroxy-1-{4-[(propan-2-yl)carbamamido]benzamido}-2,3-dihydro-1H-indene-2-carboxylic acid'
4 water water
#
_entity_poly.entity_id   1
_entity_poly.type   'polypeptide(L)'
_entity_poly.pdbx_seq_one_letter_code
;SMVNSFSGYLKLTDNVYIKNADIVEEAKKVKPTVVVNAANVYLKHGGGVAGALNKATNNAMQVESDDYIATNGPLKVGGS
CVLSGHNLAKHCLHVVGPNVNKGEDIQLLKSAYENFNQHEVLLAPLLSAGIFGADPIHSLRVCVDTVRTNVYLAVFDKNL
YDKLVSSFL
;
_entity_poly.pdbx_strand_id   A,B
#
loop_
_chem_comp.id
_chem_comp.type
_chem_comp.name
_chem_comp.formula
QMO non-polymer '(1R,2R)-4-hydroxy-1-{4-[(propan-2-yl)carbamamido]benzamido}-2,3-dihydro-1H-indene-2-carboxylic acid' 'C21 H23 N3 O5'
QN0 non-polymer '(1S,2S)-4-hydroxy-1-{4-[(propan-2-yl)carbamamido]benzamido}-2,3-dihydro-1H-indene-2-carboxylic acid' 'C21 H23 N3 O5'
#
# COMPACT_ATOMS: atom_id res chain seq x y z
N VAL A 3 -6.74 -9.79 -22.15
N VAL A 3 -6.76 -9.77 -22.04
CA VAL A 3 -5.94 -11.01 -22.26
CA VAL A 3 -5.98 -10.99 -22.10
C VAL A 3 -4.48 -10.71 -21.95
C VAL A 3 -4.51 -10.69 -21.80
N ASN A 4 -3.87 -11.57 -21.13
N ASN A 4 -3.87 -11.55 -21.00
CA ASN A 4 -2.45 -11.47 -20.80
CA ASN A 4 -2.44 -11.46 -20.70
C ASN A 4 -1.79 -12.84 -21.01
C ASN A 4 -1.80 -12.84 -20.92
N SER A 5 -0.48 -12.92 -20.73
CA SER A 5 0.35 -14.06 -21.09
C SER A 5 0.61 -15.06 -19.97
N PHE A 6 0.00 -14.88 -18.80
CA PHE A 6 0.18 -15.83 -17.70
C PHE A 6 -0.56 -17.14 -18.04
N SER A 7 0.11 -18.27 -17.92
N SER A 7 0.18 -18.28 -17.92
CA SER A 7 -0.48 -19.51 -18.38
CA SER A 7 -0.27 -19.58 -18.39
C SER A 7 -0.41 -20.54 -17.24
C SER A 7 -0.33 -20.60 -17.26
N GLY A 8 -1.32 -21.50 -17.31
CA GLY A 8 -1.46 -22.56 -16.30
C GLY A 8 -1.85 -22.11 -14.91
N TYR A 9 -2.55 -20.97 -14.73
N TYR A 9 -2.17 -20.84 -14.75
CA TYR A 9 -3.02 -20.56 -13.39
CA TYR A 9 -2.59 -20.33 -13.44
C TYR A 9 -4.39 -21.12 -13.11
C TYR A 9 -4.04 -20.75 -13.17
N LEU A 10 -4.64 -21.41 -11.83
N LEU A 10 -4.42 -20.83 -11.90
CA LEU A 10 -5.98 -21.69 -11.33
CA LEU A 10 -5.73 -21.31 -11.47
C LEU A 10 -6.56 -20.38 -10.84
C LEU A 10 -6.53 -20.15 -10.87
N LYS A 11 -7.82 -20.14 -11.21
N LYS A 11 -7.71 -19.87 -11.44
CA LYS A 11 -8.52 -18.91 -10.86
CA LYS A 11 -8.59 -18.79 -10.99
C LYS A 11 -9.15 -19.09 -9.49
C LYS A 11 -9.14 -19.14 -9.60
N LEU A 12 -8.76 -18.26 -8.52
N LEU A 12 -8.86 -18.29 -8.60
CA LEU A 12 -9.37 -18.34 -7.21
CA LEU A 12 -9.37 -18.42 -7.24
C LEU A 12 -10.57 -17.42 -7.05
C LEU A 12 -10.54 -17.48 -6.98
N THR A 13 -10.47 -16.20 -7.56
N THR A 13 -10.42 -16.23 -7.43
CA THR A 13 -11.54 -15.21 -7.46
CA THR A 13 -11.45 -15.19 -7.33
C THR A 13 -11.55 -14.45 -8.77
C THR A 13 -11.50 -14.44 -8.69
N ASP A 14 -12.34 -13.41 -8.75
CA ASP A 14 -12.41 -12.53 -9.91
C ASP A 14 -11.04 -12.03 -10.34
N ASN A 15 -10.13 -11.79 -9.37
CA ASN A 15 -8.88 -11.10 -9.68
C ASN A 15 -7.61 -11.80 -9.20
N VAL A 16 -7.71 -12.93 -8.51
CA VAL A 16 -6.56 -13.63 -7.97
C VAL A 16 -6.44 -15.00 -8.62
N TYR A 17 -5.22 -15.31 -9.06
CA TYR A 17 -4.85 -16.53 -9.75
C TYR A 17 -3.62 -17.13 -9.06
N ILE A 18 -3.44 -18.46 -9.11
CA ILE A 18 -2.35 -19.11 -8.39
C ILE A 18 -1.79 -20.27 -9.20
N LYS A 19 -0.50 -20.49 -9.03
N LYS A 19 -0.47 -20.52 -9.01
CA LYS A 19 0.14 -21.53 -9.82
CA LYS A 19 0.22 -21.60 -9.72
C LYS A 19 1.32 -22.04 -9.04
C LYS A 19 1.38 -22.10 -8.86
N ASN A 20 1.56 -23.34 -9.10
N ASN A 20 1.68 -23.41 -8.98
CA ASN A 20 2.77 -23.93 -8.54
CA ASN A 20 2.87 -23.99 -8.36
C ASN A 20 3.89 -23.59 -9.50
C ASN A 20 4.04 -23.77 -9.31
N ALA A 21 4.73 -22.63 -9.13
N ALA A 21 4.83 -22.74 -9.05
CA ALA A 21 5.77 -22.19 -10.04
CA ALA A 21 5.87 -22.34 -10.00
C ALA A 21 6.88 -21.49 -9.27
C ALA A 21 6.94 -21.53 -9.29
N ASP A 22 8.08 -21.54 -9.85
N ASP A 22 8.12 -21.46 -9.93
CA ASP A 22 9.23 -20.79 -9.37
CA ASP A 22 9.23 -20.65 -9.46
C ASP A 22 9.13 -19.37 -9.92
C ASP A 22 9.04 -19.22 -9.99
N ILE A 23 8.92 -18.38 -9.04
N ILE A 23 8.89 -18.25 -9.08
CA ILE A 23 8.66 -17.01 -9.48
CA ILE A 23 8.69 -16.86 -9.50
C ILE A 23 9.79 -16.49 -10.36
C ILE A 23 9.84 -16.35 -10.39
N VAL A 24 11.01 -16.97 -10.14
N VAL A 24 11.07 -16.83 -10.18
CA VAL A 24 12.13 -16.56 -10.99
CA VAL A 24 12.20 -16.48 -11.05
C VAL A 24 11.93 -17.05 -12.41
C VAL A 24 11.91 -16.93 -12.48
N GLU A 25 11.57 -18.33 -12.57
N GLU A 25 11.59 -18.21 -12.65
CA GLU A 25 11.33 -18.88 -13.89
CA GLU A 25 11.37 -18.80 -13.97
C GLU A 25 10.11 -18.24 -14.54
C GLU A 25 10.13 -18.23 -14.62
N GLU A 26 9.07 -17.99 -13.74
N GLU A 26 9.10 -17.96 -13.81
CA GLU A 26 7.88 -17.37 -14.29
CA GLU A 26 7.90 -17.32 -14.31
C GLU A 26 8.16 -15.93 -14.77
C GLU A 26 8.20 -15.91 -14.80
N ALA A 27 8.98 -15.16 -14.03
CA ALA A 27 9.33 -13.80 -14.44
C ALA A 27 10.16 -13.82 -15.72
N LYS A 28 11.15 -14.73 -15.79
CA LYS A 28 11.98 -14.85 -17.00
C LYS A 28 11.14 -15.17 -18.23
N LYS A 29 10.04 -15.93 -18.09
N LYS A 29 10.09 -15.95 -18.08
CA LYS A 29 9.22 -16.35 -19.23
CA LYS A 29 9.24 -16.35 -19.20
C LYS A 29 8.14 -15.31 -19.59
C LYS A 29 8.28 -15.22 -19.63
N VAL A 30 7.48 -14.71 -18.60
N VAL A 30 7.55 -14.64 -18.66
CA VAL A 30 6.40 -13.78 -18.87
CA VAL A 30 6.49 -13.67 -18.94
C VAL A 30 6.91 -12.35 -19.10
C VAL A 30 7.04 -12.25 -19.12
N LYS A 31 7.99 -11.97 -18.44
N LYS A 31 8.10 -11.89 -18.42
CA LYS A 31 8.49 -10.59 -18.45
CA LYS A 31 8.59 -10.51 -18.37
C LYS A 31 7.37 -9.62 -18.05
C LYS A 31 7.44 -9.58 -18.02
N PRO A 32 6.78 -9.79 -16.87
CA PRO A 32 5.63 -8.97 -16.50
C PRO A 32 6.03 -7.53 -16.29
N THR A 33 5.03 -6.65 -16.37
CA THR A 33 5.23 -5.24 -16.03
C THR A 33 5.76 -5.11 -14.60
N VAL A 34 5.22 -5.89 -13.67
CA VAL A 34 5.60 -5.83 -12.26
C VAL A 34 5.79 -7.24 -11.71
N VAL A 35 6.98 -7.49 -11.14
CA VAL A 35 7.22 -8.63 -10.25
C VAL A 35 7.38 -8.09 -8.84
N VAL A 36 6.74 -8.74 -7.89
CA VAL A 36 6.82 -8.38 -6.47
C VAL A 36 7.95 -9.16 -5.83
N ASN A 37 8.80 -8.44 -5.09
CA ASN A 37 9.81 -9.05 -4.23
C ASN A 37 9.35 -9.05 -2.79
N ALA A 38 9.61 -10.16 -2.11
CA ALA A 38 9.41 -10.30 -0.67
C ALA A 38 10.62 -9.68 0.04
N ALA A 39 10.59 -8.36 0.16
CA ALA A 39 11.72 -7.58 0.64
C ALA A 39 11.70 -7.43 2.16
N ASN A 40 12.86 -7.03 2.70
CA ASN A 40 12.94 -6.50 4.06
C ASN A 40 13.22 -4.99 3.98
N VAL A 41 13.16 -4.32 5.14
CA VAL A 41 13.23 -2.85 5.15
C VAL A 41 14.57 -2.32 4.67
N TYR A 42 15.62 -3.14 4.73
CA TYR A 42 16.96 -2.74 4.31
C TYR A 42 17.24 -3.11 2.86
N LEU A 43 16.29 -3.75 2.20
CA LEU A 43 16.48 -4.29 0.85
C LEU A 43 17.75 -5.14 0.77
N LYS A 44 17.97 -5.97 1.79
N LYS A 44 17.99 -5.92 1.83
CA LYS A 44 19.08 -6.93 1.80
CA LYS A 44 19.08 -6.90 1.87
C LYS A 44 18.50 -8.24 1.33
C LYS A 44 18.54 -8.24 1.36
N HIS A 45 18.80 -8.55 0.08
CA HIS A 45 18.18 -9.70 -0.60
C HIS A 45 19.03 -10.96 -0.43
N GLY A 46 18.94 -11.54 0.75
N GLY A 46 18.95 -11.58 0.75
CA GLY A 46 19.85 -12.62 1.10
CA GLY A 46 19.82 -12.70 1.11
C GLY A 46 19.35 -14.01 0.84
C GLY A 46 19.25 -14.08 0.86
N GLY A 47 18.03 -14.22 0.98
N GLY A 47 17.96 -14.32 1.12
CA GLY A 47 17.48 -15.56 0.92
CA GLY A 47 17.39 -15.65 1.00
C GLY A 47 16.00 -15.48 0.60
C GLY A 47 15.95 -15.59 0.51
N GLY A 48 15.37 -16.66 0.61
N GLY A 48 15.38 -16.76 0.23
CA GLY A 48 13.97 -16.74 0.24
CA GLY A 48 13.98 -16.82 -0.20
C GLY A 48 13.77 -16.23 -1.17
C GLY A 48 13.78 -16.13 -1.54
N VAL A 49 12.58 -15.69 -1.41
N VAL A 49 12.55 -15.63 -1.75
CA VAL A 49 12.26 -15.15 -2.73
CA VAL A 49 12.24 -14.92 -3.00
C VAL A 49 13.25 -14.06 -3.11
C VAL A 49 13.28 -13.84 -3.30
N ALA A 50 13.60 -13.17 -2.18
N ALA A 50 13.57 -13.00 -2.29
CA ALA A 50 14.47 -12.04 -2.51
CA ALA A 50 14.51 -11.88 -2.48
C ALA A 50 15.84 -12.50 -2.97
C ALA A 50 15.91 -12.37 -2.90
N GLY A 51 16.44 -13.39 -2.21
CA GLY A 51 17.73 -13.93 -2.58
C GLY A 51 17.71 -14.56 -3.97
N ALA A 52 16.62 -15.25 -4.31
CA ALA A 52 16.51 -15.90 -5.62
C ALA A 52 16.36 -14.87 -6.73
N LEU A 53 15.45 -13.92 -6.54
N LEU A 53 15.46 -13.89 -6.60
CA LEU A 53 15.29 -12.88 -7.55
CA LEU A 53 15.34 -12.85 -7.64
C LEU A 53 16.62 -12.14 -7.76
C LEU A 53 16.67 -12.13 -7.79
N ASN A 54 17.30 -11.75 -6.67
CA ASN A 54 18.55 -11.02 -6.79
C ASN A 54 19.62 -11.85 -7.50
N LYS A 55 19.75 -13.13 -7.14
CA LYS A 55 20.70 -14.00 -7.81
C LYS A 55 20.44 -14.06 -9.31
N ALA A 56 19.16 -14.12 -9.70
CA ALA A 56 18.80 -14.16 -11.12
C ALA A 56 19.20 -12.88 -11.86
N THR A 57 19.32 -11.75 -11.16
CA THR A 57 19.81 -10.48 -11.74
C THR A 57 21.32 -10.34 -11.66
N ASN A 58 22.04 -11.39 -11.25
CA ASN A 58 23.50 -11.32 -11.14
C ASN A 58 23.92 -10.23 -10.15
N ASN A 59 23.11 -10.01 -9.10
CA ASN A 59 23.34 -9.05 -8.01
C ASN A 59 23.06 -7.61 -8.43
N ALA A 60 22.56 -7.36 -9.64
CA ALA A 60 22.24 -5.99 -10.01
C ALA A 60 21.10 -5.43 -9.17
N MET A 61 20.14 -6.27 -8.78
CA MET A 61 19.08 -5.82 -7.88
C MET A 61 19.66 -5.30 -6.56
N GLN A 62 20.64 -6.02 -5.98
CA GLN A 62 21.24 -5.59 -4.72
C GLN A 62 21.98 -4.27 -4.89
N VAL A 63 22.74 -4.11 -5.99
CA VAL A 63 23.48 -2.87 -6.22
C VAL A 63 22.52 -1.69 -6.31
N GLU A 64 21.44 -1.84 -7.08
CA GLU A 64 20.45 -0.77 -7.18
C GLU A 64 19.80 -0.50 -5.83
N SER A 65 19.51 -1.56 -5.08
CA SER A 65 18.86 -1.43 -3.78
C SER A 65 19.76 -0.68 -2.78
N ASP A 66 21.05 -0.98 -2.78
CA ASP A 66 21.97 -0.31 -1.85
C ASP A 66 22.01 1.18 -2.12
N ASP A 67 22.00 1.58 -3.39
CA ASP A 67 21.93 3.00 -3.72
C ASP A 67 20.61 3.61 -3.26
N TYR A 68 19.49 2.88 -3.43
CA TYR A 68 18.19 3.37 -2.96
C TYR A 68 18.21 3.64 -1.45
N ILE A 69 18.74 2.69 -0.66
CA ILE A 69 18.76 2.85 0.80
C ILE A 69 19.70 3.98 1.19
N ALA A 70 20.85 4.08 0.53
CA ALA A 70 21.79 5.15 0.85
C ALA A 70 21.14 6.53 0.66
N THR A 71 20.25 6.66 -0.32
CA THR A 71 19.58 7.93 -0.59
C THR A 71 18.36 8.15 0.30
N ASN A 72 17.55 7.10 0.53
CA ASN A 72 16.22 7.24 1.10
C ASN A 72 16.06 6.66 2.49
N GLY A 73 16.99 5.85 2.97
CA GLY A 73 16.82 5.16 4.22
C GLY A 73 15.89 3.97 4.06
N PRO A 74 15.70 3.22 5.15
CA PRO A 74 14.92 1.98 5.10
C PRO A 74 13.46 2.21 4.78
N LEU A 75 12.84 1.18 4.23
CA LEU A 75 11.40 1.13 4.10
C LEU A 75 10.76 0.92 5.47
N LYS A 76 9.44 1.05 5.51
CA LYS A 76 8.58 0.69 6.63
C LYS A 76 8.10 -0.75 6.44
N VAL A 77 7.96 -1.49 7.54
CA VAL A 77 7.21 -2.75 7.47
C VAL A 77 5.78 -2.43 7.04
N GLY A 78 5.32 -3.12 5.99
CA GLY A 78 4.06 -2.80 5.36
C GLY A 78 4.20 -1.89 4.16
N GLY A 79 5.41 -1.33 3.93
CA GLY A 79 5.64 -0.41 2.84
C GLY A 79 6.28 -1.06 1.61
N SER A 80 6.61 -0.22 0.64
CA SER A 80 7.12 -0.70 -0.64
C SER A 80 7.88 0.41 -1.35
N CYS A 81 8.65 -0.01 -2.34
CA CYS A 81 9.20 0.92 -3.33
C CYS A 81 9.25 0.23 -4.67
N VAL A 82 9.20 1.02 -5.73
CA VAL A 82 9.31 0.54 -7.12
C VAL A 82 10.74 0.78 -7.59
N LEU A 83 11.41 -0.28 -8.01
CA LEU A 83 12.73 -0.19 -8.60
C LEU A 83 12.71 -0.93 -9.92
N SER A 84 13.86 -1.05 -10.57
CA SER A 84 13.94 -1.76 -11.83
C SER A 84 13.62 -3.24 -11.66
N GLY A 85 13.03 -3.82 -12.71
CA GLY A 85 12.88 -5.27 -12.78
C GLY A 85 14.04 -5.98 -13.42
N HIS A 86 15.06 -5.24 -13.85
CA HIS A 86 16.28 -5.83 -14.44
C HIS A 86 15.88 -6.76 -15.57
N ASN A 87 16.40 -7.98 -15.62
CA ASN A 87 16.12 -8.96 -16.65
C ASN A 87 14.85 -9.76 -16.37
N LEU A 88 14.13 -9.45 -15.29
CA LEU A 88 12.99 -10.27 -14.88
C LEU A 88 11.63 -9.64 -15.20
N ALA A 89 11.55 -8.33 -15.34
CA ALA A 89 10.27 -7.60 -15.42
C ALA A 89 10.62 -6.17 -15.77
N LYS A 90 9.60 -5.38 -16.12
CA LYS A 90 9.85 -3.94 -16.30
C LYS A 90 10.24 -3.32 -14.96
N HIS A 91 9.46 -3.61 -13.93
CA HIS A 91 9.60 -3.04 -12.60
C HIS A 91 9.59 -4.17 -11.57
N CYS A 92 10.28 -3.94 -10.47
CA CYS A 92 10.14 -4.75 -9.27
C CYS A 92 9.53 -3.90 -8.16
N LEU A 93 8.37 -4.36 -7.66
CA LEU A 93 7.76 -3.77 -6.48
C LEU A 93 8.28 -4.52 -5.26
N HIS A 94 9.17 -3.87 -4.51
CA HIS A 94 9.73 -4.44 -3.29
C HIS A 94 8.74 -4.16 -2.16
N VAL A 95 8.11 -5.20 -1.64
CA VAL A 95 7.08 -5.07 -0.61
C VAL A 95 7.56 -5.75 0.67
N VAL A 96 7.45 -5.04 1.79
CA VAL A 96 7.88 -5.53 3.10
C VAL A 96 6.65 -6.05 3.85
N GLY A 97 6.47 -7.38 3.87
N GLY A 97 6.44 -7.35 3.81
CA GLY A 97 5.53 -7.98 4.79
CA GLY A 97 5.43 -7.99 4.65
C GLY A 97 6.19 -8.13 6.16
C GLY A 97 6.05 -8.22 6.02
N PRO A 98 5.37 -8.25 7.20
N PRO A 98 5.23 -8.30 7.08
CA PRO A 98 5.92 -8.52 8.54
CA PRO A 98 5.79 -8.56 8.42
C PRO A 98 6.65 -9.86 8.57
C PRO A 98 6.40 -9.97 8.51
N ASN A 99 7.77 -9.88 9.28
N ASN A 99 7.51 -10.09 9.25
CA ASN A 99 8.54 -11.11 9.50
CA ASN A 99 8.25 -11.34 9.46
C ASN A 99 8.21 -11.60 10.91
C ASN A 99 8.19 -11.72 10.95
N VAL A 100 7.44 -12.69 10.98
N VAL A 100 7.38 -12.74 11.34
CA VAL A 100 7.06 -13.24 12.29
CA VAL A 100 7.19 -13.05 12.78
C VAL A 100 8.30 -13.64 13.07
C VAL A 100 8.32 -13.87 13.41
N ASN A 101 9.34 -14.10 12.39
N ASN A 101 9.33 -14.26 12.63
CA ASN A 101 10.57 -14.47 13.08
CA ASN A 101 10.56 -14.87 13.13
C ASN A 101 11.34 -13.25 13.59
C ASN A 101 11.52 -13.81 13.65
N LYS A 102 10.83 -12.03 13.37
N LYS A 102 11.28 -12.55 13.26
CA LYS A 102 11.32 -10.83 14.05
CA LYS A 102 11.85 -11.32 13.76
C LYS A 102 10.29 -10.22 15.00
C LYS A 102 10.94 -10.71 14.84
N GLY A 103 9.13 -10.87 15.17
N GLY A 103 9.81 -11.35 15.14
CA GLY A 103 8.13 -10.38 16.10
CA GLY A 103 8.85 -10.85 16.13
C GLY A 103 7.24 -9.28 15.57
C GLY A 103 8.07 -9.64 15.63
N GLU A 104 7.17 -9.10 14.26
N GLU A 104 7.91 -9.51 14.31
CA GLU A 104 6.44 -7.98 13.66
CA GLU A 104 7.19 -8.36 13.73
C GLU A 104 4.96 -8.29 13.56
C GLU A 104 5.65 -8.54 13.82
N ASP A 105 4.14 -7.24 13.68
N ASP A 105 4.95 -7.40 13.99
CA ASP A 105 2.71 -7.38 13.86
CA ASP A 105 3.50 -7.36 14.20
C ASP A 105 2.08 -7.91 12.57
C ASP A 105 2.75 -8.01 13.05
N ILE A 106 1.38 -9.04 12.67
N ILE A 106 1.97 -9.06 13.37
CA ILE A 106 0.82 -9.68 11.50
CA ILE A 106 1.21 -9.80 12.37
C ILE A 106 -0.25 -8.82 10.85
C ILE A 106 0.18 -8.91 11.65
N GLN A 107 -0.88 -7.93 11.62
N GLN A 107 -0.43 -7.94 12.34
CA GLN A 107 -1.87 -7.02 11.04
CA GLN A 107 -1.53 -7.17 11.75
C GLN A 107 -1.26 -6.17 9.95
C GLN A 107 -1.15 -6.28 10.54
N LEU A 108 0.05 -5.95 9.97
N LEU A 108 0.14 -6.13 10.18
CA LEU A 108 0.72 -5.20 8.93
CA LEU A 108 0.55 -5.24 9.07
C LEU A 108 0.70 -5.95 7.61
C LEU A 108 0.57 -5.92 7.69
N LEU A 109 0.27 -7.21 7.61
CA LEU A 109 0.21 -7.92 6.33
C LEU A 109 -0.81 -7.28 5.39
N LYS A 110 -1.96 -6.82 5.92
CA LYS A 110 -2.93 -6.18 5.04
C LYS A 110 -2.36 -4.91 4.42
N SER A 111 -1.67 -4.09 5.22
CA SER A 111 -1.04 -2.89 4.68
C SER A 111 -0.04 -3.25 3.59
N ALA A 112 0.71 -4.33 3.78
CA ALA A 112 1.68 -4.76 2.77
C ALA A 112 0.97 -5.07 1.45
N TYR A 113 -0.11 -5.85 1.51
CA TYR A 113 -0.84 -6.20 0.28
C TYR A 113 -1.51 -4.99 -0.37
N GLU A 114 -1.85 -3.94 0.39
CA GLU A 114 -2.45 -2.74 -0.20
C GLU A 114 -1.54 -2.13 -1.26
N ASN A 115 -0.22 -2.31 -1.14
CA ASN A 115 0.68 -1.78 -2.16
C ASN A 115 0.37 -2.36 -3.53
N PHE A 116 -0.13 -3.59 -3.59
CA PHE A 116 -0.41 -4.21 -4.87
C PHE A 116 -1.48 -3.44 -5.66
N ASN A 117 -2.36 -2.72 -4.96
CA ASN A 117 -3.48 -2.04 -5.61
C ASN A 117 -3.04 -0.87 -6.45
N GLN A 118 -1.76 -0.46 -6.36
CA GLN A 118 -1.25 0.62 -7.18
C GLN A 118 -0.81 0.12 -8.54
N HIS A 119 -0.98 -1.17 -8.84
CA HIS A 119 -0.53 -1.78 -10.09
C HIS A 119 -1.63 -2.66 -10.65
N GLU A 120 -1.93 -2.49 -11.94
CA GLU A 120 -3.07 -3.17 -12.53
C GLU A 120 -2.90 -4.69 -12.57
N VAL A 121 -1.68 -5.16 -12.83
CA VAL A 121 -1.36 -6.57 -12.93
C VAL A 121 0.00 -6.83 -12.30
N LEU A 122 0.12 -7.90 -11.52
CA LEU A 122 1.39 -8.24 -10.87
C LEU A 122 1.59 -9.75 -10.83
N LEU A 123 2.86 -10.14 -10.93
CA LEU A 123 3.34 -11.48 -10.58
C LEU A 123 3.91 -11.39 -9.17
N ALA A 124 3.47 -12.25 -8.24
N ALA A 124 3.41 -12.20 -8.25
CA ALA A 124 3.83 -12.05 -6.85
CA ALA A 124 3.78 -11.95 -6.87
C ALA A 124 3.98 -13.36 -6.11
C ALA A 124 3.86 -13.25 -6.09
N PRO A 125 4.76 -13.39 -5.02
N PRO A 125 4.61 -13.24 -4.99
CA PRO A 125 4.71 -14.46 -4.04
CA PRO A 125 4.60 -14.32 -4.01
C PRO A 125 3.70 -14.10 -2.95
C PRO A 125 3.57 -13.99 -2.92
N LEU A 126 3.38 -15.09 -2.12
N LEU A 126 3.13 -15.03 -2.21
CA LEU A 126 2.58 -14.83 -0.92
CA LEU A 126 2.29 -14.84 -1.03
C LEU A 126 3.42 -14.06 0.10
C LEU A 126 3.13 -14.12 0.04
N LEU A 127 2.96 -12.88 0.46
N LEU A 127 2.68 -12.95 0.51
CA LEU A 127 3.70 -12.06 1.41
CA LEU A 127 3.45 -12.15 1.46
C LEU A 127 3.75 -12.69 2.79
C LEU A 127 3.54 -12.83 2.82
N SER A 128 4.90 -12.55 3.44
N SER A 128 4.68 -12.64 3.49
CA SER A 128 5.17 -13.03 4.77
CA SER A 128 4.95 -13.12 4.85
C SER A 128 5.24 -14.55 4.87
C SER A 128 4.99 -14.65 4.98
N ALA A 129 5.14 -15.27 3.75
N ALA A 129 5.01 -15.39 3.87
CA ALA A 129 5.26 -16.73 3.75
CA ALA A 129 5.04 -16.85 3.90
C ALA A 129 6.73 -17.12 3.76
C ALA A 129 6.49 -17.34 3.87
N GLY A 130 6.98 -18.43 3.67
N GLY A 130 6.71 -18.64 3.70
CA GLY A 130 8.35 -18.90 3.63
CA GLY A 130 8.08 -19.18 3.67
C GLY A 130 9.11 -18.48 4.88
C GLY A 130 8.87 -18.77 4.92
N ILE A 131 10.34 -17.98 4.66
N ILE A 131 10.10 -18.29 4.75
CA ILE A 131 11.21 -17.63 5.78
CA ILE A 131 10.98 -17.96 5.88
C ILE A 131 10.73 -16.42 6.57
C ILE A 131 10.57 -16.69 6.64
N PHE A 132 9.67 -15.72 6.12
N PHE A 132 9.49 -16.01 6.19
CA PHE A 132 9.08 -14.68 6.92
CA PHE A 132 8.92 -14.88 6.94
C PHE A 132 8.17 -15.21 8.02
C PHE A 132 8.07 -15.34 8.13
N GLY A 133 7.83 -16.50 8.00
N GLY A 133 7.64 -16.61 8.16
CA GLY A 133 7.27 -17.14 9.16
CA GLY A 133 7.06 -17.21 9.36
C GLY A 133 5.77 -17.10 9.35
C GLY A 133 5.55 -17.12 9.53
N ALA A 134 5.02 -16.44 8.46
N ALA A 134 4.80 -16.47 8.63
CA ALA A 134 3.56 -16.42 8.62
CA ALA A 134 3.35 -16.41 8.82
C ALA A 134 2.95 -17.67 8.01
C ALA A 134 2.66 -17.62 8.19
N ASP A 135 1.68 -17.91 8.38
N ASP A 135 1.40 -17.84 8.60
CA ASP A 135 0.91 -19.00 7.81
CA ASP A 135 0.59 -18.92 8.02
C ASP A 135 0.53 -18.65 6.37
C ASP A 135 0.29 -18.59 6.56
N PRO A 136 0.99 -19.40 5.36
N PRO A 136 0.71 -19.42 5.59
CA PRO A 136 0.62 -19.05 3.98
CA PRO A 136 0.39 -19.11 4.18
C PRO A 136 -0.86 -19.09 3.69
C PRO A 136 -1.10 -19.12 3.88
N ILE A 137 -1.64 -19.95 4.36
N ILE A 137 -1.87 -20.01 4.51
CA ILE A 137 -3.09 -19.94 4.18
CA ILE A 137 -3.32 -20.00 4.30
C ILE A 137 -3.67 -18.59 4.60
C ILE A 137 -3.85 -18.64 4.72
N HIS A 138 -3.24 -18.08 5.77
CA HIS A 138 -3.65 -16.74 6.19
C HIS A 138 -3.22 -15.69 5.18
N SER A 139 -1.99 -15.77 4.70
CA SER A 139 -1.52 -14.79 3.74
C SER A 139 -2.39 -14.79 2.48
N LEU A 140 -2.78 -15.97 2.00
CA LEU A 140 -3.63 -16.05 0.82
C LEU A 140 -4.99 -15.42 1.09
N ARG A 141 -5.53 -15.62 2.28
CA ARG A 141 -6.82 -15.03 2.62
C ARG A 141 -6.72 -13.51 2.64
N VAL A 142 -5.69 -12.96 3.27
CA VAL A 142 -5.50 -11.51 3.29
C VAL A 142 -5.33 -10.99 1.86
N CYS A 143 -4.55 -11.70 1.03
CA CYS A 143 -4.38 -11.28 -0.35
C CYS A 143 -5.72 -11.15 -1.06
N VAL A 144 -6.54 -12.20 -0.99
CA VAL A 144 -7.82 -12.20 -1.70
C VAL A 144 -8.74 -11.12 -1.17
N ASP A 145 -8.68 -10.85 0.13
CA ASP A 145 -9.55 -9.88 0.77
C ASP A 145 -9.02 -8.45 0.70
N THR A 146 -7.83 -8.23 0.14
CA THR A 146 -7.23 -6.90 0.12
C THR A 146 -6.90 -6.41 -1.29
N VAL A 147 -6.35 -7.27 -2.13
CA VAL A 147 -5.92 -6.90 -3.45
C VAL A 147 -7.13 -6.92 -4.38
N ARG A 148 -7.32 -5.82 -5.09
CA ARG A 148 -8.40 -5.67 -6.06
C ARG A 148 -7.91 -5.68 -7.50
N THR A 149 -6.60 -5.49 -7.70
CA THR A 149 -5.99 -5.58 -9.03
C THR A 149 -5.68 -7.04 -9.32
N ASN A 150 -5.21 -7.30 -10.53
CA ASN A 150 -5.05 -8.68 -11.00
C ASN A 150 -3.71 -9.23 -10.56
N VAL A 151 -3.74 -10.25 -9.71
CA VAL A 151 -2.53 -10.79 -9.11
C VAL A 151 -2.38 -12.26 -9.48
N TYR A 152 -1.18 -12.60 -9.97
CA TYR A 152 -0.78 -13.95 -10.35
C TYR A 152 0.24 -14.41 -9.30
N LEU A 153 -0.19 -15.32 -8.43
CA LEU A 153 0.63 -15.78 -7.32
C LEU A 153 1.40 -17.03 -7.75
N ALA A 154 2.68 -17.01 -7.50
N ALA A 154 2.74 -16.94 -7.70
CA ALA A 154 3.53 -18.16 -7.75
CA ALA A 154 3.60 -18.09 -7.97
C ALA A 154 3.90 -18.76 -6.40
C ALA A 154 4.07 -18.67 -6.62
N VAL A 155 3.60 -20.05 -6.24
N VAL A 155 3.78 -19.96 -6.40
CA VAL A 155 3.90 -20.79 -5.02
CA VAL A 155 4.11 -20.64 -5.14
C VAL A 155 4.93 -21.85 -5.37
C VAL A 155 5.20 -21.67 -5.43
N PHE A 156 6.13 -21.73 -4.80
N PHE A 156 6.39 -21.51 -4.80
CA PHE A 156 7.23 -22.61 -5.17
CA PHE A 156 7.53 -22.37 -5.13
C PHE A 156 6.97 -24.06 -4.77
C PHE A 156 7.32 -23.82 -4.67
N ASP A 157 6.46 -24.29 -3.57
N ASP A 157 6.86 -23.99 -3.43
CA ASP A 157 6.33 -25.63 -3.02
CA ASP A 157 6.75 -25.30 -2.79
C ASP A 157 5.04 -26.28 -3.50
C ASP A 157 5.52 -26.07 -3.29
N LYS A 158 5.16 -27.42 -4.21
N LYS A 158 5.74 -27.24 -3.91
CA LYS A 158 3.99 -28.10 -4.73
CA LYS A 158 4.63 -28.03 -4.45
C LYS A 158 3.07 -28.55 -3.59
C LYS A 158 3.66 -28.44 -3.35
N ASN A 159 3.63 -29.12 -2.54
N ASN A 159 4.18 -28.93 -2.21
CA ASN A 159 2.81 -29.55 -1.41
CA ASN A 159 3.25 -29.39 -1.16
C ASN A 159 2.02 -28.39 -0.84
C ASN A 159 2.47 -28.24 -0.54
N LEU A 160 2.66 -27.23 -0.68
N LEU A 160 3.05 -27.04 -0.51
CA LEU A 160 1.94 -26.07 -0.17
CA LEU A 160 2.30 -25.88 -0.05
C LEU A 160 0.89 -25.60 -1.15
C LEU A 160 1.22 -25.50 -1.06
N TYR A 161 1.22 -25.56 -2.44
N TYR A 161 1.53 -25.50 -2.36
CA TYR A 161 0.24 -25.13 -3.44
CA TYR A 161 0.54 -25.19 -3.38
C TYR A 161 -1.02 -25.96 -3.33
C TYR A 161 -0.66 -26.12 -3.25
N ASP A 162 -0.88 -27.30 -3.28
N ASP A 162 -0.41 -27.43 -3.18
CA ASP A 162 -2.06 -28.16 -3.20
CA ASP A 162 -1.50 -28.41 -3.08
C ASP A 162 -2.85 -27.89 -1.93
C ASP A 162 -2.42 -28.11 -1.89
N LYS A 163 -2.15 -27.66 -0.81
N LYS A 163 -1.87 -27.72 -0.74
CA LYS A 163 -2.84 -27.36 0.43
CA LYS A 163 -2.68 -27.43 0.45
C LYS A 163 -3.49 -26.01 0.34
C LYS A 163 -3.40 -26.08 0.36
N LEU A 164 -2.77 -25.05 -0.22
CA LEU A 164 -3.42 -23.75 -0.43
C LEU A 164 -4.68 -23.90 -1.27
N VAL A 165 -4.60 -24.66 -2.36
CA VAL A 165 -5.78 -24.84 -3.22
C VAL A 165 -6.87 -25.62 -2.49
N SER A 166 -6.54 -26.76 -1.91
N SER A 166 -6.48 -26.73 -1.86
CA SER A 166 -7.63 -27.54 -1.33
CA SER A 166 -7.45 -27.63 -1.24
C SER A 166 -8.25 -26.86 -0.12
C SER A 166 -8.12 -27.02 -0.01
N SER A 167 -7.50 -26.03 0.62
CA SER A 167 -8.08 -25.37 1.80
C SER A 167 -8.71 -24.02 1.50
N PHE A 168 -8.74 -23.58 0.25
CA PHE A 168 -9.19 -22.21 -0.06
C PHE A 168 -10.73 -22.13 0.03
N LEU A 169 -11.31 -21.10 0.72
N LEU A 169 -11.20 -21.11 0.74
CA LEU A 169 -12.78 -20.90 0.83
CA LEU A 169 -12.62 -20.92 0.90
C LEU A 169 -13.21 -19.90 -0.23
C LEU A 169 -13.12 -19.96 -0.17
N SER B 1 8.41 19.15 23.76
N SER B 1 8.57 19.30 23.65
CA SER B 1 7.60 19.72 22.67
CA SER B 1 7.74 19.79 22.53
C SER B 1 6.34 18.91 22.39
C SER B 1 6.46 18.98 22.33
N MET B 2 5.32 19.61 21.93
N MET B 2 5.44 19.71 21.90
CA MET B 2 4.01 19.03 21.66
CA MET B 2 4.08 19.21 21.71
C MET B 2 3.87 18.84 20.16
C MET B 2 3.87 18.99 20.21
N VAL B 3 3.74 17.59 19.74
N VAL B 3 3.69 17.73 19.81
CA VAL B 3 3.38 17.25 18.37
CA VAL B 3 3.36 17.35 18.44
C VAL B 3 2.19 16.32 18.44
C VAL B 3 2.14 16.42 18.49
N ASN B 4 1.42 16.33 17.37
CA ASN B 4 0.22 15.48 17.29
C ASN B 4 -0.71 15.69 18.48
N SER B 5 -0.91 16.95 18.86
N SER B 5 -0.94 16.98 18.83
CA SER B 5 -1.77 17.29 20.00
CA SER B 5 -1.76 17.32 19.99
C SER B 5 -3.15 17.64 19.46
C SER B 5 -3.19 17.65 19.52
N PHE B 6 -3.90 16.60 19.15
CA PHE B 6 -5.25 16.72 18.61
C PHE B 6 -6.23 16.87 19.77
N SER B 7 -7.11 17.89 19.63
N SER B 7 -7.09 17.87 19.74
CA SER B 7 -8.09 18.20 20.66
CA SER B 7 -8.07 18.05 20.80
C SER B 7 -9.42 18.61 20.05
C SER B 7 -9.44 18.44 20.25
N GLY B 8 -10.50 18.25 20.73
N GLY B 8 -10.47 17.93 20.92
CA GLY B 8 -11.83 18.62 20.30
CA GLY B 8 -11.86 18.25 20.62
C GLY B 8 -12.40 17.77 19.20
C GLY B 8 -12.39 17.52 19.43
N TYR B 9 -11.85 16.58 18.97
N TYR B 9 -11.81 16.38 19.08
CA TYR B 9 -12.37 15.68 17.94
CA TYR B 9 -12.33 15.55 18.01
C TYR B 9 -13.42 14.74 18.52
C TYR B 9 -13.41 14.62 18.53
N LEU B 10 -14.37 14.36 17.66
CA LEU B 10 -15.43 13.41 17.93
C LEU B 10 -15.00 12.07 17.37
N LYS B 11 -15.14 11.08 18.21
N LYS B 11 -15.04 11.04 18.23
CA LYS B 11 -14.76 9.73 17.84
CA LYS B 11 -14.70 9.67 17.82
C LYS B 11 -15.86 9.09 17.00
C LYS B 11 -15.84 9.10 16.98
N LEU B 12 -15.51 8.63 15.78
CA LEU B 12 -16.45 7.89 14.94
C LEU B 12 -16.23 6.39 15.02
N THR B 13 -14.96 5.98 15.00
CA THR B 13 -14.58 4.58 15.17
C THR B 13 -13.35 4.59 16.06
N ASP B 14 -12.83 3.41 16.32
N ASP B 14 -12.80 3.38 16.31
CA ASP B 14 -11.67 3.33 17.17
CA ASP B 14 -11.62 3.26 17.16
C ASP B 14 -10.47 4.07 16.60
C ASP B 14 -10.40 3.95 16.57
N ASN B 15 -10.43 4.31 15.29
CA ASN B 15 -9.28 4.98 14.67
C ASN B 15 -9.63 6.21 13.83
N VAL B 16 -10.90 6.57 13.69
CA VAL B 16 -11.29 7.72 12.88
C VAL B 16 -11.98 8.74 13.75
N TYR B 17 -11.48 9.97 13.70
CA TYR B 17 -11.94 11.09 14.51
C TYR B 17 -12.25 12.26 13.58
N ILE B 18 -13.16 13.15 14.00
CA ILE B 18 -13.61 14.22 13.13
C ILE B 18 -13.85 15.49 13.94
N LYS B 19 -13.58 16.64 13.32
CA LYS B 19 -13.71 17.95 13.95
C LYS B 19 -14.13 18.98 12.91
N ASN B 20 -14.96 19.95 13.32
N ASN B 20 -14.95 19.93 13.35
CA ASN B 20 -15.29 21.12 12.49
CA ASN B 20 -15.29 21.10 12.56
C ASN B 20 -14.18 22.12 12.68
C ASN B 20 -14.13 22.08 12.72
N ALA B 21 -13.26 22.18 11.73
CA ALA B 21 -12.04 22.97 11.83
C ALA B 21 -11.50 23.29 10.44
N ASP B 22 -10.77 24.40 10.37
CA ASP B 22 -9.95 24.79 9.23
C ASP B 22 -8.63 24.04 9.32
N ILE B 23 -8.35 23.18 8.31
CA ILE B 23 -7.21 22.27 8.37
C ILE B 23 -5.88 23.00 8.49
N VAL B 24 -5.77 24.21 7.93
CA VAL B 24 -4.52 24.99 8.06
C VAL B 24 -4.35 25.43 9.50
N GLU B 25 -5.40 25.99 10.09
N GLU B 25 -5.40 26.00 10.09
CA GLU B 25 -5.34 26.40 11.49
CA GLU B 25 -5.35 26.42 11.50
C GLU B 25 -5.10 25.20 12.38
C GLU B 25 -5.15 25.22 12.41
N GLU B 26 -5.78 24.09 12.11
CA GLU B 26 -5.55 22.87 12.87
C GLU B 26 -4.11 22.44 12.79
N ALA B 27 -3.54 22.41 11.59
CA ALA B 27 -2.16 21.96 11.45
C ALA B 27 -1.22 22.84 12.27
N LYS B 28 -1.42 24.15 12.26
CA LYS B 28 -0.52 25.03 13.00
C LYS B 28 -0.64 24.82 14.50
N LYS B 29 -1.81 24.41 14.96
N LYS B 29 -1.85 24.44 14.98
CA LYS B 29 -2.01 24.20 16.38
CA LYS B 29 -2.08 24.21 16.41
C LYS B 29 -1.60 22.81 16.84
C LYS B 29 -1.61 22.82 16.84
N VAL B 30 -1.99 21.78 16.09
CA VAL B 30 -1.74 20.38 16.46
C VAL B 30 -0.28 20.00 16.28
N LYS B 31 0.41 20.63 15.34
N LYS B 31 0.39 20.62 15.34
CA LYS B 31 1.77 20.26 14.95
CA LYS B 31 1.75 20.27 14.99
C LYS B 31 1.86 18.78 14.58
C LYS B 31 1.83 18.79 14.62
N PRO B 32 1.11 18.35 13.58
CA PRO B 32 1.09 16.92 13.25
C PRO B 32 2.37 16.48 12.54
N THR B 33 2.70 15.20 12.70
CA THR B 33 3.76 14.60 11.91
C THR B 33 3.39 14.62 10.43
N VAL B 34 2.11 14.37 10.12
CA VAL B 34 1.67 14.27 8.74
C VAL B 34 0.39 15.08 8.56
N VAL B 35 0.38 15.99 7.59
CA VAL B 35 -0.87 16.57 7.07
C VAL B 35 -1.08 16.04 5.66
N VAL B 36 -2.31 15.63 5.36
CA VAL B 36 -2.66 15.14 4.04
C VAL B 36 -3.13 16.30 3.17
N ASN B 37 -2.61 16.36 1.95
CA ASN B 37 -3.10 17.26 0.93
C ASN B 37 -4.01 16.52 -0.05
N ALA B 38 -5.09 17.18 -0.42
CA ALA B 38 -6.00 16.74 -1.49
C ALA B 38 -5.39 17.14 -2.83
N ALA B 39 -4.41 16.35 -3.27
CA ALA B 39 -3.59 16.65 -4.43
C ALA B 39 -4.19 16.16 -5.74
N ASN B 40 -3.62 16.65 -6.83
CA ASN B 40 -3.84 16.11 -8.17
C ASN B 40 -2.51 15.55 -8.69
N VAL B 41 -2.57 14.86 -9.83
CA VAL B 41 -1.42 14.07 -10.26
C VAL B 41 -0.19 14.91 -10.57
N TYR B 42 -0.37 16.18 -10.96
CA TYR B 42 0.76 17.05 -11.25
C TYR B 42 1.09 17.98 -10.09
N LEU B 43 0.49 17.76 -8.93
CA LEU B 43 0.77 18.53 -7.73
C LEU B 43 0.67 20.02 -8.00
N LYS B 44 -0.38 20.42 -8.72
CA LYS B 44 -0.70 21.82 -8.98
C LYS B 44 -1.75 22.24 -7.96
N HIS B 45 -1.30 23.01 -6.98
CA HIS B 45 -2.09 23.29 -5.77
C HIS B 45 -2.88 24.57 -5.94
N GLY B 46 -3.91 24.49 -6.79
CA GLY B 46 -4.67 25.68 -7.14
C GLY B 46 -5.81 26.04 -6.20
N GLY B 47 -6.65 25.05 -5.88
CA GLY B 47 -7.94 25.32 -5.28
C GLY B 47 -8.17 24.45 -4.06
N GLY B 48 -9.29 24.72 -3.37
CA GLY B 48 -9.68 23.92 -2.23
C GLY B 48 -8.57 23.76 -1.22
N VAL B 49 -8.47 22.56 -0.65
CA VAL B 49 -7.47 22.27 0.37
C VAL B 49 -6.06 22.56 -0.12
N ALA B 50 -5.74 22.09 -1.33
CA ALA B 50 -4.37 22.24 -1.81
C ALA B 50 -3.99 23.70 -1.95
N GLY B 51 -4.90 24.53 -2.48
CA GLY B 51 -4.63 25.96 -2.58
C GLY B 51 -4.39 26.58 -1.23
N ALA B 52 -5.18 26.18 -0.22
CA ALA B 52 -5.04 26.74 1.12
C ALA B 52 -3.74 26.31 1.77
N LEU B 53 -3.40 25.02 1.67
CA LEU B 53 -2.12 24.57 2.25
C LEU B 53 -0.95 25.27 1.57
N ASN B 54 -0.96 25.33 0.24
CA ASN B 54 0.16 25.97 -0.45
C ASN B 54 0.28 27.45 -0.07
N LYS B 55 -0.85 28.15 -0.01
CA LYS B 55 -0.79 29.57 0.37
C LYS B 55 -0.20 29.73 1.76
N ALA B 56 -0.53 28.84 2.69
CA ALA B 56 0.00 28.95 4.06
C ALA B 56 1.51 28.79 4.06
N THR B 57 2.07 28.03 3.11
CA THR B 57 3.51 27.86 2.97
C THR B 57 4.15 28.97 2.15
N ASN B 58 3.41 30.00 1.77
CA ASN B 58 3.95 31.08 0.97
C ASN B 58 4.54 30.54 -0.34
N ASN B 59 3.85 29.56 -0.93
CA ASN B 59 4.19 28.95 -2.23
C ASN B 59 5.38 28.00 -2.16
N ALA B 60 5.99 27.78 -0.99
CA ALA B 60 7.11 26.84 -0.92
C ALA B 60 6.68 25.43 -1.30
N MET B 61 5.46 25.05 -0.94
CA MET B 61 4.95 23.74 -1.30
C MET B 61 4.90 23.58 -2.82
N GLN B 62 4.45 24.61 -3.54
CA GLN B 62 4.36 24.51 -5.00
C GLN B 62 5.75 24.40 -5.63
N VAL B 63 6.70 25.20 -5.16
CA VAL B 63 8.06 25.13 -5.70
C VAL B 63 8.64 23.74 -5.51
N GLU B 64 8.51 23.20 -4.29
CA GLU B 64 9.00 21.85 -4.00
C GLU B 64 8.29 20.82 -4.86
N SER B 65 6.98 20.99 -5.04
CA SER B 65 6.18 20.05 -5.83
C SER B 65 6.60 20.05 -7.30
N ASP B 66 6.84 21.23 -7.87
CA ASP B 66 7.26 21.28 -9.28
C ASP B 66 8.60 20.59 -9.48
N ASP B 67 9.52 20.74 -8.52
CA ASP B 67 10.80 20.03 -8.60
C ASP B 67 10.59 18.52 -8.49
N TYR B 68 9.71 18.07 -7.58
CA TYR B 68 9.39 16.65 -7.48
C TYR B 68 8.88 16.11 -8.81
N ILE B 69 7.98 16.86 -9.47
CA ILE B 69 7.42 16.41 -10.75
C ILE B 69 8.49 16.35 -11.83
N ALA B 70 9.39 17.35 -11.86
CA ALA B 70 10.45 17.33 -12.85
C ALA B 70 11.29 16.06 -12.74
N THR B 71 11.54 15.62 -11.50
CA THR B 71 12.38 14.46 -11.26
C THR B 71 11.64 13.14 -11.45
N ASN B 72 10.36 13.09 -11.07
CA ASN B 72 9.64 11.83 -10.92
C ASN B 72 8.45 11.66 -11.85
N GLY B 73 7.96 12.73 -12.47
CA GLY B 73 6.75 12.64 -13.25
C GLY B 73 5.52 12.65 -12.38
N PRO B 74 4.36 12.64 -13.01
CA PRO B 74 3.10 12.73 -12.26
C PRO B 74 2.81 11.49 -11.45
N LEU B 75 2.03 11.69 -10.38
CA LEU B 75 1.49 10.60 -9.61
C LEU B 75 0.40 9.89 -10.41
N LYS B 76 0.00 8.71 -9.92
CA LYS B 76 -1.18 8.00 -10.38
C LYS B 76 -2.40 8.45 -9.56
N VAL B 77 -3.57 8.51 -10.19
CA VAL B 77 -4.80 8.65 -9.40
C VAL B 77 -4.89 7.45 -8.45
N GLY B 78 -5.08 7.73 -7.16
CA GLY B 78 -5.04 6.71 -6.12
C GLY B 78 -3.70 6.61 -5.43
N GLY B 79 -2.68 7.29 -5.96
CA GLY B 79 -1.33 7.27 -5.40
C GLY B 79 -1.03 8.46 -4.50
N SER B 80 0.23 8.48 -4.03
CA SER B 80 0.66 9.52 -3.10
C SER B 80 2.17 9.71 -3.17
N CYS B 81 2.62 10.83 -2.61
CA CYS B 81 4.03 11.01 -2.31
C CYS B 81 4.16 11.80 -1.00
N VAL B 82 5.30 11.60 -0.34
CA VAL B 82 5.62 12.32 0.90
C VAL B 82 6.60 13.44 0.56
N LEU B 83 6.24 14.66 0.91
CA LEU B 83 7.11 15.83 0.76
C LEU B 83 7.15 16.57 2.10
N SER B 84 7.87 17.69 2.14
CA SER B 84 7.94 18.47 3.38
C SER B 84 6.56 19.00 3.77
N GLY B 85 6.36 19.15 5.08
CA GLY B 85 5.20 19.85 5.61
C GLY B 85 5.41 21.32 5.88
N HIS B 86 6.61 21.87 5.64
CA HIS B 86 6.84 23.32 5.71
C HIS B 86 6.43 23.82 7.10
N ASN B 87 5.60 24.85 7.19
CA ASN B 87 5.15 25.39 8.46
C ASN B 87 3.88 24.71 8.98
N LEU B 88 3.46 23.62 8.36
CA LEU B 88 2.20 22.93 8.70
C LEU B 88 2.39 21.63 9.44
N ALA B 89 3.48 20.92 9.18
CA ALA B 89 3.65 19.55 9.65
C ALA B 89 5.08 19.14 9.36
N LYS B 90 5.51 18.02 9.95
CA LYS B 90 6.79 17.48 9.55
C LYS B 90 6.77 17.11 8.07
N HIS B 91 5.72 16.40 7.65
CA HIS B 91 5.56 15.93 6.28
C HIS B 91 4.18 16.29 5.77
N CYS B 92 4.10 16.48 4.45
CA CYS B 92 2.82 16.51 3.76
C CYS B 92 2.71 15.26 2.89
N LEU B 93 1.66 14.48 3.12
CA LEU B 93 1.32 13.34 2.28
C LEU B 93 0.35 13.84 1.22
N HIS B 94 0.84 13.96 -0.01
CA HIS B 94 0.03 14.39 -1.14
C HIS B 94 -0.67 13.16 -1.68
N VAL B 95 -2.00 13.10 -1.53
CA VAL B 95 -2.78 11.93 -1.94
C VAL B 95 -3.74 12.35 -3.04
N VAL B 96 -3.78 11.58 -4.13
CA VAL B 96 -4.65 11.87 -5.26
C VAL B 96 -5.90 11.00 -5.19
N GLY B 97 -7.00 11.57 -4.76
CA GLY B 97 -8.30 10.94 -4.91
C GLY B 97 -8.84 11.20 -6.30
N PRO B 98 -9.78 10.37 -6.75
CA PRO B 98 -10.43 10.61 -8.03
C PRO B 98 -11.24 11.90 -7.99
N ASN B 99 -11.18 12.62 -9.09
N ASN B 99 -11.12 12.70 -9.07
CA ASN B 99 -11.95 13.85 -9.25
CA ASN B 99 -11.91 13.93 -9.26
C ASN B 99 -13.16 13.53 -10.11
C ASN B 99 -13.11 13.61 -10.15
N VAL B 100 -14.32 13.37 -9.46
N VAL B 100 -14.28 13.36 -9.52
CA VAL B 100 -15.55 13.05 -10.18
CA VAL B 100 -15.54 13.06 -10.22
C VAL B 100 -15.95 14.21 -11.11
C VAL B 100 -15.94 14.22 -11.13
N ASN B 101 -15.59 15.46 -10.76
CA ASN B 101 -15.87 16.60 -11.65
C ASN B 101 -15.06 16.54 -12.94
N LYS B 102 -14.09 15.60 -13.00
N LYS B 102 -14.00 15.75 -12.98
CA LYS B 102 -13.30 15.35 -14.20
CA LYS B 102 -13.25 15.52 -14.21
C LYS B 102 -13.55 13.97 -14.78
C LYS B 102 -13.55 14.14 -14.79
N GLY B 103 -14.60 13.29 -14.35
N GLY B 103 -14.57 13.47 -14.25
CA GLY B 103 -14.96 12.00 -14.89
CA GLY B 103 -15.06 12.18 -14.75
C GLY B 103 -14.18 10.86 -14.33
C GLY B 103 -14.28 10.96 -14.30
N GLU B 104 -13.48 11.07 -13.24
CA GLU B 104 -12.58 10.00 -12.82
C GLU B 104 -13.35 8.96 -12.00
N ASP B 105 -12.82 7.72 -11.99
N ASP B 105 -12.87 7.73 -12.01
CA ASP B 105 -13.58 6.63 -11.41
CA ASP B 105 -13.64 6.63 -11.40
C ASP B 105 -13.58 6.74 -9.89
C ASP B 105 -13.58 6.78 -9.89
N ILE B 106 -14.76 6.95 -9.32
N ILE B 106 -14.72 7.08 -9.28
CA ILE B 106 -14.92 7.01 -7.87
CA ILE B 106 -14.88 7.14 -7.83
C ILE B 106 -14.43 5.73 -7.19
C ILE B 106 -14.40 5.85 -7.19
N GLN B 107 -14.39 4.62 -7.93
N GLN B 107 -14.38 4.75 -7.95
CA GLN B 107 -13.87 3.37 -7.37
CA GLN B 107 -13.90 3.48 -7.40
C GLN B 107 -12.42 3.51 -6.91
C GLN B 107 -12.46 3.54 -6.92
N LEU B 108 -11.65 4.49 -7.42
CA LEU B 108 -10.24 4.63 -7.01
C LEU B 108 -10.08 5.28 -5.64
N LEU B 109 -11.18 5.68 -5.02
CA LEU B 109 -11.13 6.32 -3.71
C LEU B 109 -10.59 5.38 -2.64
N LYS B 110 -10.89 4.09 -2.71
CA LYS B 110 -10.37 3.17 -1.70
C LYS B 110 -8.84 3.09 -1.80
N SER B 111 -8.30 2.95 -3.02
CA SER B 111 -6.85 2.95 -3.22
C SER B 111 -6.23 4.22 -2.64
N ALA B 112 -6.88 5.36 -2.87
CA ALA B 112 -6.35 6.63 -2.35
C ALA B 112 -6.26 6.59 -0.82
N TYR B 113 -7.32 6.14 -0.15
CA TYR B 113 -7.30 6.07 1.32
C TYR B 113 -6.28 5.06 1.84
N GLU B 114 -5.97 4.01 1.08
CA GLU B 114 -4.99 3.02 1.55
C GLU B 114 -3.64 3.67 1.83
N ASN B 115 -3.32 4.78 1.16
CA ASN B 115 -2.05 5.45 1.43
C ASN B 115 -1.96 5.89 2.89
N PHE B 116 -3.10 6.20 3.52
CA PHE B 116 -3.08 6.65 4.90
C PHE B 116 -2.52 5.58 5.83
N ASN B 117 -2.66 4.30 5.46
CA ASN B 117 -2.23 3.19 6.33
C ASN B 117 -0.72 3.10 6.48
N GLN B 118 0.04 3.86 5.69
CA GLN B 118 1.49 3.90 5.83
C GLN B 118 1.96 4.90 6.88
N HIS B 119 1.04 5.54 7.61
CA HIS B 119 1.37 6.55 8.62
C HIS B 119 0.54 6.29 9.86
N GLU B 120 1.18 6.29 11.03
N GLU B 120 1.20 6.29 11.04
CA GLU B 120 0.47 5.90 12.24
CA GLU B 120 0.50 5.91 12.26
C GLU B 120 -0.60 6.90 12.64
C GLU B 120 -0.57 6.91 12.66
N VAL B 121 -0.37 8.19 12.37
CA VAL B 121 -1.33 9.24 12.70
C VAL B 121 -1.25 10.35 11.65
N LEU B 122 -2.42 10.85 11.22
CA LEU B 122 -2.50 11.88 10.17
C LEU B 122 -3.61 12.87 10.49
N LEU B 123 -3.38 14.13 10.13
CA LEU B 123 -4.42 15.15 10.01
C LEU B 123 -4.81 15.22 8.54
N ALA B 124 -6.12 15.12 8.23
CA ALA B 124 -6.49 14.94 6.85
C ALA B 124 -7.83 15.58 6.52
N PRO B 125 -8.04 15.93 5.24
CA PRO B 125 -9.37 16.24 4.73
C PRO B 125 -10.02 14.96 4.20
N LEU B 126 -11.32 15.04 3.90
CA LEU B 126 -11.99 13.95 3.21
C LEU B 126 -11.59 13.94 1.75
N LEU B 127 -11.04 12.82 1.30
CA LEU B 127 -10.56 12.71 -0.06
C LEU B 127 -11.73 12.73 -1.06
N SER B 128 -11.47 13.34 -2.22
CA SER B 128 -12.39 13.46 -3.33
C SER B 128 -13.61 14.31 -3.01
N ALA B 129 -13.66 14.94 -1.84
CA ALA B 129 -14.77 15.83 -1.48
C ALA B 129 -14.57 17.21 -2.10
N GLY B 130 -15.55 18.08 -1.87
CA GLY B 130 -15.40 19.49 -2.23
C GLY B 130 -15.24 19.65 -3.72
N ILE B 131 -14.20 20.37 -4.12
CA ILE B 131 -14.00 20.67 -5.53
C ILE B 131 -13.74 19.43 -6.36
N PHE B 132 -13.45 18.27 -5.73
CA PHE B 132 -13.27 17.02 -6.45
C PHE B 132 -14.59 16.33 -6.77
N GLY B 133 -15.72 16.75 -6.17
CA GLY B 133 -17.06 16.38 -6.64
C GLY B 133 -17.67 15.09 -6.13
N ALA B 134 -16.99 14.32 -5.29
CA ALA B 134 -17.59 13.12 -4.72
C ALA B 134 -18.49 13.48 -3.54
N ASP B 135 -19.42 12.58 -3.24
CA ASP B 135 -20.28 12.74 -2.08
C ASP B 135 -19.43 12.64 -0.81
N PRO B 136 -19.36 13.67 0.03
CA PRO B 136 -18.53 13.54 1.24
C PRO B 136 -19.00 12.45 2.17
N ILE B 137 -20.29 12.12 2.16
CA ILE B 137 -20.79 10.99 2.97
C ILE B 137 -20.14 9.70 2.51
N HIS B 138 -20.04 9.53 1.20
CA HIS B 138 -19.36 8.35 0.68
C HIS B 138 -17.87 8.37 1.00
N SER B 139 -17.24 9.54 0.95
CA SER B 139 -15.82 9.59 1.26
C SER B 139 -15.56 9.19 2.71
N LEU B 140 -16.42 9.62 3.63
CA LEU B 140 -16.26 9.23 5.02
C LEU B 140 -16.46 7.73 5.17
N ARG B 141 -17.42 7.16 4.44
CA ARG B 141 -17.66 5.71 4.43
C ARG B 141 -16.39 4.96 4.02
N VAL B 142 -15.82 5.34 2.89
CA VAL B 142 -14.61 4.68 2.41
C VAL B 142 -13.47 4.87 3.40
N CYS B 143 -13.33 6.06 3.97
CA CYS B 143 -12.30 6.31 4.97
C CYS B 143 -12.41 5.31 6.11
N VAL B 144 -13.61 5.23 6.69
CA VAL B 144 -13.80 4.35 7.85
C VAL B 144 -13.56 2.90 7.50
N ASP B 145 -13.93 2.50 6.30
CA ASP B 145 -13.82 1.09 5.91
C ASP B 145 -12.45 0.74 5.36
N THR B 146 -11.55 1.70 5.22
CA THR B 146 -10.24 1.48 4.62
C THR B 146 -9.08 1.81 5.54
N VAL B 147 -9.16 2.94 6.24
CA VAL B 147 -8.04 3.41 7.04
C VAL B 147 -8.09 2.68 8.38
N ARG B 148 -6.94 2.16 8.80
CA ARG B 148 -6.80 1.49 10.08
C ARG B 148 -5.89 2.24 11.03
N THR B 149 -5.08 3.18 10.53
CA THR B 149 -4.24 4.03 11.36
C THR B 149 -5.09 5.20 11.87
N ASN B 150 -4.51 6.05 12.71
CA ASN B 150 -5.29 7.06 13.40
C ASN B 150 -5.42 8.30 12.52
N VAL B 151 -6.63 8.57 12.05
CA VAL B 151 -6.88 9.69 11.15
C VAL B 151 -7.83 10.68 11.81
N TYR B 152 -7.39 11.94 11.81
CA TYR B 152 -8.10 13.08 12.38
C TYR B 152 -8.57 13.94 11.20
N LEU B 153 -9.87 13.92 10.94
CA LEU B 153 -10.47 14.58 9.79
C LEU B 153 -10.92 15.99 10.19
N ALA B 154 -10.53 16.98 9.39
CA ALA B 154 -10.94 18.36 9.57
C ALA B 154 -11.95 18.72 8.48
N VAL B 155 -13.13 19.15 8.90
CA VAL B 155 -14.21 19.54 8.01
C VAL B 155 -14.50 21.01 8.27
N PHE B 156 -14.28 21.85 7.26
CA PHE B 156 -14.38 23.30 7.43
C PHE B 156 -15.81 23.77 7.71
N ASP B 157 -16.77 23.36 6.90
CA ASP B 157 -18.13 23.88 7.01
C ASP B 157 -18.90 23.17 8.13
N LYS B 158 -19.36 23.94 9.11
N LYS B 158 -19.33 23.91 9.18
CA LYS B 158 -20.12 23.36 10.22
CA LYS B 158 -20.13 23.33 10.28
C LYS B 158 -21.32 22.56 9.74
C LYS B 158 -21.33 22.56 9.76
N ASN B 159 -21.99 23.06 8.71
CA ASN B 159 -23.20 22.40 8.20
C ASN B 159 -22.86 21.07 7.51
N LEU B 160 -21.73 20.97 6.81
CA LEU B 160 -21.31 19.67 6.28
C LEU B 160 -20.88 18.74 7.41
N TYR B 161 -20.14 19.27 8.40
CA TYR B 161 -19.76 18.49 9.57
C TYR B 161 -20.99 17.85 10.21
N ASP B 162 -22.03 18.65 10.43
CA ASP B 162 -23.26 18.15 11.05
C ASP B 162 -23.91 17.08 10.17
N LYS B 163 -23.92 17.29 8.84
CA LYS B 163 -24.49 16.28 7.94
C LYS B 163 -23.69 14.97 8.02
N LEU B 164 -22.37 15.05 8.11
CA LEU B 164 -21.52 13.86 8.16
C LEU B 164 -21.70 13.12 9.49
N VAL B 165 -21.69 13.84 10.62
CA VAL B 165 -21.80 13.20 11.93
C VAL B 165 -23.20 12.63 12.12
N SER B 166 -24.21 13.44 11.78
CA SER B 166 -25.60 13.09 12.07
C SER B 166 -26.04 11.88 11.26
N SER B 167 -25.44 11.67 10.08
CA SER B 167 -25.79 10.54 9.22
C SER B 167 -24.85 9.34 9.35
N PHE B 168 -23.74 9.46 10.09
CA PHE B 168 -22.79 8.35 10.18
C PHE B 168 -23.41 7.16 10.92
N LEU B 169 -24.26 7.43 11.90
N LEU B 169 -24.23 7.47 11.92
CA LEU B 169 -24.88 6.38 12.70
CA LEU B 169 -24.88 6.46 12.75
C LEU B 169 -26.26 6.77 13.20
C LEU B 169 -26.24 6.95 13.21
C18 QMO C . 7.97 -16.78 0.22
C17 QMO C . 6.94 -17.63 -0.57
C14 QMO C . 7.04 -19.92 -1.63
C13 QMO C . 7.47 -19.03 -0.43
C12 QMO C . 8.94 -18.91 -0.37
C10 QMO C . 11.06 -19.03 -1.69
C19 QMO C . 7.91 -15.52 0.80
C01 QMO C . 16.49 -20.10 -10.51
C02 QMO C . 16.40 -20.61 -9.07
C04 QMO C . 14.93 -20.07 -7.10
C06 QMO C . 13.05 -19.48 -5.47
C07 QMO C . 11.69 -19.20 -5.43
C08 QMO C . 11.06 -19.04 -4.22
C09 QMO C . 11.78 -19.18 -3.04
C21 QMO C . 9.01 -15.01 1.48
C22 QMO C . 10.18 -15.77 1.59
C23 QMO C . 10.25 -17.03 1.03
C24 QMO C . 9.16 -17.54 0.34
C26 QMO C . 13.12 -19.49 -3.09
C27 QMO C . 13.78 -19.66 -4.30
C29 QMO C . 16.46 -22.13 -9.01
N03 QMO C . 15.13 -20.21 -8.52
N05 QMO C . 13.59 -19.66 -6.79
N11 QMO C . 9.62 -18.99 -1.66
O15 QMO C . 6.59 -19.40 -2.68
O16 QMO C . 7.16 -21.18 -1.55
O20 QMO C . 6.76 -14.74 0.69
O25 QMO C . 11.69 -19.00 -0.68
O28 QMO C . 15.77 -20.24 -6.29
H172 QMO C . 5.95 -17.53 -0.12
H171 QMO C . 6.95 -17.33 -1.62
H131 QMO C . 7.12 -19.44 0.52
H121 QMO C . 9.34 -19.70 0.27
H011 QMO C . 16.48 -19.01 -10.52
H012 QMO C . 15.64 -20.47 -11.08
H013 QMO C . 17.41 -20.45 -10.96
H021 QMO C . 17.22 -20.18 -8.48
H071 QMO C . 11.15 -19.09 -6.37
H081 QMO C . 9.99 -18.80 -4.20
H211 QMO C . 8.96 -14.04 1.92
H221 QMO C . 11.03 -15.37 2.13
H231 QMO C . 11.16 -17.62 1.12
H261 QMO C . 13.67 -19.61 -2.16
H271 QMO C . 14.84 -19.90 -4.32
H293 QMO C . 15.63 -22.55 -9.57
H291 QMO C . 16.38 -22.45 -7.97
H292 QMO C . 17.40 -22.48 -9.42
H031 QMO C . 14.36 -20.05 -9.12
H051 QMO C . 12.96 -19.58 -7.55
H111 QMO C . 9.13 -19.05 -2.54
H201 QMO C . 6.92 -14.03 0.08
C01 QN0 D . 16.49 -20.10 -10.51
C02 QN0 D . 16.40 -20.59 -9.07
C04 QN0 D . 14.93 -20.03 -7.10
C06 QN0 D . 13.06 -19.45 -5.48
C07 QN0 D . 11.70 -19.19 -5.43
C08 QN0 D . 11.06 -19.06 -4.22
C09 QN0 D . 11.82 -19.21 -3.06
C10 QN0 D . 11.15 -19.12 -1.71
C12 QN0 D . 9.07 -19.36 -0.42
C13 QN0 D . 7.86 -18.49 -0.56
C14 QN0 D . 7.13 -18.66 -1.88
C17 QN0 D . 7.01 -18.88 0.63
C18 QN0 D . 7.38 -20.34 0.88
C19 QN0 D . 6.66 -21.27 1.62
C21 QN0 D . 7.15 -22.57 1.72
C22 QN0 D . 8.35 -22.91 1.10
C23 QN0 D . 9.06 -21.97 0.37
C24 QN0 D . 8.56 -20.67 0.24
C26 QN0 D . 13.16 -19.51 -3.11
C27 QN0 D . 13.80 -19.66 -4.32
C29 QN0 D . 16.45 -22.12 -9.01
N03 QN0 D . 15.14 -20.19 -8.52
N05 QN0 D . 13.58 -19.63 -6.79
N11 QN0 D . 9.75 -19.40 -1.68
O15 QN0 D . 6.93 -19.81 -2.38
O16 QN0 D . 6.75 -17.62 -2.47
O20 QN0 D . 5.46 -20.87 2.22
O25 QN0 D . 11.78 -18.92 -0.72
O28 QN0 D . 15.77 -20.17 -6.29
H011 QN0 D . 16.16 -19.06 -10.55
H012 QN0 D . 15.84 -20.70 -11.15
H013 QN0 D . 17.51 -20.18 -10.86
H021 QN0 D . 17.20 -20.19 -8.48
H071 QN0 D . 11.15 -19.09 -6.37
H081 QN0 D . 10.01 -18.82 -4.18
H121 QN0 D . 9.72 -18.89 0.30
H131 QN0 D . 8.18 -17.49 -0.47
H171 QN0 D . 5.98 -18.79 0.35
H172 QN0 D . 7.30 -18.27 1.47
H211 QN0 D . 6.60 -23.30 2.29
H221 QN0 D . 8.72 -23.92 1.21
H231 QN0 D . 10.00 -22.26 -0.10
H261 QN0 D . 13.70 -19.64 -2.18
H271 QN0 D . 14.85 -19.91 -4.34
H291 QN0 D . 15.83 -22.55 -9.78
H292 QN0 D . 16.09 -22.46 -8.03
H293 QN0 D . 17.48 -22.46 -9.14
H031 QN0 D . 14.36 -20.04 -9.13
H051 QN0 D . 12.96 -19.57 -7.55
H111 QN0 D . 9.25 -19.55 -2.55
H201 QN0 D . 5.50 -21.02 3.15
#